data_3F66
#
_entry.id   3F66
#
_cell.length_a   47.377
_cell.length_b   47.587
_cell.length_c   75.600
_cell.angle_alpha   100.70
_cell.angle_beta   103.62
_cell.angle_gamma   98.29
#
_symmetry.space_group_name_H-M   'P 1'
#
loop_
_entity.id
_entity.type
_entity.pdbx_description
1 polymer 'Hepatocyte growth factor receptor'
2 non-polymer 3-[3-(4-methylpiperazin-1-yl)-7-(trifluoromethyl)quinoxalin-5-yl]phenol
3 non-polymer GAMMA-BUTYROLACTONE
4 non-polymer 'SODIUM ION'
5 water water
#
_entity_poly.entity_id   1
_entity_poly.type   'polypeptide(L)'
_entity_poly.pdbx_seq_one_letter_code
;HIDLSALNPELVQAVQHVVIGPSSLIVHFNEVIGRGHFGCVYHGTLLDNDGKKIHCAVKSLNRITDIGEVSQFLTEGIIM
KDFSHPNVLSLLGICLRSEGSPLVVLPYMKHGDLRNFIRNETHNPTVKDLIGFGLQVAKGMKYLASKKFVHRDLAARNCM
LDEKFTVKVADFGLARDMYDKEYYSVHNKTGAKLPVKWMALESLQTQKFTTKSDVWSFGVLLWELMTRGAPPYPDVNTFD
ITVYLLQGRRLLQPEYCPDPLYEVMLKCWHPKAEMRPSFSELVSRISAIFSTFIGEHY
;
_entity_poly.pdbx_strand_id   A,B
#
loop_
_chem_comp.id
_chem_comp.type
_chem_comp.name
_chem_comp.formula
GBL non-polymer GAMMA-BUTYROLACTONE 'C4 H6 O2'
IHX non-polymer 3-[3-(4-methylpiperazin-1-yl)-7-(trifluoromethyl)quinoxalin-5-yl]phenol 'C20 H19 F3 N4 O'
NA non-polymer 'SODIUM ION' 'Na 1'
#
# COMPACT_ATOMS: atom_id res chain seq x y z
N HIS A 1 5.90 -39.47 11.71
CA HIS A 1 6.70 -40.03 12.85
C HIS A 1 8.11 -40.28 12.39
N ILE A 2 9.01 -39.43 12.85
CA ILE A 2 10.39 -39.55 12.42
C ILE A 2 11.14 -40.36 13.47
N ASP A 3 11.90 -41.33 12.97
CA ASP A 3 12.67 -42.24 13.80
C ASP A 3 13.95 -41.62 14.40
N LEU A 4 13.79 -40.89 15.50
CA LEU A 4 14.90 -40.26 16.22
C LEU A 4 15.98 -41.24 16.69
N SER A 5 15.62 -42.51 16.91
CA SER A 5 16.60 -43.53 17.31
C SER A 5 17.63 -43.82 16.21
N ALA A 6 17.26 -43.55 14.97
CA ALA A 6 18.14 -43.76 13.82
C ALA A 6 19.18 -42.67 13.57
N LEU A 7 19.07 -41.51 14.21
CA LEU A 7 20.03 -40.46 13.99
C LEU A 7 21.42 -40.93 14.43
N ASN A 8 22.45 -40.57 13.65
CA ASN A 8 23.84 -40.75 14.02
C ASN A 8 24.13 -40.08 15.38
N PRO A 9 24.67 -40.80 16.37
CA PRO A 9 24.86 -40.18 17.71
C PRO A 9 25.95 -39.09 17.75
N GLU A 10 26.86 -39.11 16.77
CA GLU A 10 27.91 -38.10 16.70
C GLU A 10 27.38 -36.77 16.09
N LEU A 11 26.53 -36.87 15.08
CA LEU A 11 25.82 -35.69 14.57
C LEU A 11 24.95 -35.08 15.68
N VAL A 12 24.18 -35.91 16.37
CA VAL A 12 23.38 -35.45 17.49
C VAL A 12 24.23 -34.70 18.53
N GLN A 13 25.46 -35.14 18.75
CA GLN A 13 26.35 -34.46 19.68
C GLN A 13 26.77 -33.09 19.16
N ALA A 14 27.10 -33.02 17.88
CA ALA A 14 27.57 -31.79 17.25
C ALA A 14 26.52 -30.67 17.15
N VAL A 15 25.25 -31.08 17.11
CA VAL A 15 24.10 -30.20 16.92
C VAL A 15 23.54 -29.74 18.25
N GLN A 16 23.97 -30.35 19.35
CA GLN A 16 23.32 -30.10 20.63
C GLN A 16 23.07 -28.63 20.96
N HIS A 17 23.97 -27.74 20.54
CA HIS A 17 23.83 -26.34 20.95
C HIS A 17 22.78 -25.52 20.14
N VAL A 18 22.22 -26.15 19.10
CA VAL A 18 21.02 -25.65 18.43
C VAL A 18 19.73 -26.25 19.00
N VAL A 19 19.84 -27.31 19.78
CA VAL A 19 18.71 -28.13 20.10
C VAL A 19 17.95 -27.58 21.31
N ILE A 20 16.63 -27.56 21.19
CA ILE A 20 15.74 -27.18 22.27
C ILE A 20 14.94 -28.39 22.74
N GLY A 21 15.09 -28.72 24.01
CA GLY A 21 14.32 -29.79 24.64
C GLY A 21 12.81 -29.57 24.56
N PRO A 22 12.06 -30.57 24.01
CA PRO A 22 10.59 -30.52 24.12
C PRO A 22 10.09 -29.92 25.45
N SER A 23 10.72 -30.32 26.55
N SER A 23 10.72 -30.36 26.54
CA SER A 23 10.33 -29.80 27.88
CA SER A 23 10.51 -29.83 27.88
C SER A 23 10.51 -28.30 28.04
C SER A 23 10.44 -28.31 27.94
N SER A 24 11.33 -27.66 27.20
CA SER A 24 11.58 -26.19 27.29
C SER A 24 10.71 -25.31 26.38
N LEU A 25 9.82 -25.93 25.60
CA LEU A 25 9.04 -25.20 24.63
C LEU A 25 7.59 -25.62 24.67
N ILE A 26 6.69 -24.64 24.86
CA ILE A 26 5.26 -24.85 24.68
C ILE A 26 4.88 -24.20 23.38
N VAL A 27 4.34 -24.98 22.43
CA VAL A 27 3.77 -24.43 21.21
C VAL A 27 2.25 -24.24 21.39
N HIS A 28 1.76 -23.06 21.06
CA HIS A 28 0.36 -22.75 21.16
C HIS A 28 -0.25 -23.00 19.79
N PHE A 29 -0.66 -24.24 19.58
CA PHE A 29 -1.18 -24.66 18.28
C PHE A 29 -2.52 -24.02 17.95
N ASN A 30 -3.21 -23.61 19.02
N ASN A 30 -3.23 -23.51 18.95
CA ASN A 30 -4.37 -22.73 18.94
CA ASN A 30 -4.44 -22.74 18.66
C ASN A 30 -4.08 -21.43 18.17
C ASN A 30 -4.20 -21.26 18.40
N GLU A 31 -2.95 -20.81 18.50
CA GLU A 31 -2.61 -19.44 18.09
C GLU A 31 -1.70 -19.47 16.85
N VAL A 32 -2.34 -19.44 15.68
CA VAL A 32 -1.60 -19.42 14.41
C VAL A 32 -1.15 -18.00 14.06
N ILE A 33 0.15 -17.80 13.94
CA ILE A 33 0.68 -16.54 13.49
C ILE A 33 0.50 -16.36 11.97
N GLY A 34 0.89 -17.38 11.22
CA GLY A 34 0.85 -17.35 9.78
C GLY A 34 1.30 -18.68 9.20
N ARG A 35 1.40 -18.71 7.88
CA ARG A 35 1.71 -19.95 7.16
C ARG A 35 2.54 -19.67 5.92
N GLY A 36 3.41 -20.62 5.58
CA GLY A 36 4.04 -20.68 4.24
C GLY A 36 3.73 -22.02 3.61
N HIS A 37 4.25 -22.25 2.40
CA HIS A 37 4.17 -23.54 1.71
C HIS A 37 4.81 -24.68 2.53
N PHE A 38 5.91 -24.39 3.22
CA PHE A 38 6.64 -25.42 3.96
C PHE A 38 6.11 -25.63 5.38
N GLY A 39 5.09 -24.91 5.80
CA GLY A 39 4.64 -25.01 7.19
C GLY A 39 3.90 -23.83 7.86
N CYS A 40 3.16 -24.17 8.89
CA CYS A 40 2.48 -23.20 9.73
C CYS A 40 3.43 -22.64 10.80
N VAL A 41 3.17 -21.39 11.21
CA VAL A 41 3.87 -20.72 12.31
C VAL A 41 2.90 -20.39 13.43
N TYR A 42 3.30 -20.75 14.64
CA TYR A 42 2.50 -20.64 15.85
C TYR A 42 3.20 -19.80 16.89
N HIS A 43 2.41 -19.23 17.81
CA HIS A 43 3.00 -18.59 18.98
C HIS A 43 3.54 -19.69 19.85
N GLY A 44 4.66 -19.44 20.48
CA GLY A 44 5.19 -20.36 21.47
C GLY A 44 5.80 -19.61 22.62
N THR A 45 6.11 -20.33 23.70
CA THR A 45 6.93 -19.76 24.78
C THR A 45 8.13 -20.69 25.07
N LEU A 46 9.30 -20.08 25.18
CA LEU A 46 10.56 -20.80 25.31
C LEU A 46 11.23 -20.45 26.64
N LEU A 47 11.62 -21.51 27.37
CA LEU A 47 12.25 -21.37 28.70
C LEU A 47 13.69 -20.85 28.65
N LYS A 53 10.85 -17.05 30.42
CA LYS A 53 9.83 -17.07 29.38
C LYS A 53 10.16 -16.09 28.25
N ILE A 54 10.34 -16.65 27.05
CA ILE A 54 10.67 -15.90 25.86
C ILE A 54 9.57 -16.13 24.83
N HIS A 55 8.85 -15.08 24.47
CA HIS A 55 7.81 -15.20 23.45
C HIS A 55 8.50 -15.52 22.10
N CYS A 56 8.09 -16.60 21.47
N CYS A 56 8.05 -16.60 21.49
CA CYS A 56 8.73 -16.95 20.20
CA CYS A 56 8.65 -17.15 20.27
C CYS A 56 7.71 -17.34 19.16
C CYS A 56 7.67 -17.24 19.13
N ALA A 57 8.22 -17.49 17.94
CA ALA A 57 7.49 -17.91 16.78
C ALA A 57 8.03 -19.30 16.44
N VAL A 58 7.13 -20.26 16.29
CA VAL A 58 7.54 -21.66 16.05
C VAL A 58 6.97 -22.20 14.74
N LYS A 59 7.86 -22.64 13.88
CA LYS A 59 7.47 -23.08 12.55
C LYS A 59 7.67 -24.59 12.37
N SER A 60 6.58 -25.25 12.02
CA SER A 60 6.52 -26.71 11.87
C SER A 60 6.79 -27.07 10.44
N LEU A 61 7.98 -27.61 10.16
CA LEU A 61 8.43 -27.90 8.78
C LEU A 61 7.87 -29.21 8.26
N ASN A 62 6.70 -29.10 7.63
CA ASN A 62 5.89 -30.24 7.29
C ASN A 62 6.39 -31.08 6.13
N ARG A 63 7.43 -30.65 5.44
CA ARG A 63 7.94 -31.43 4.31
C ARG A 63 9.26 -32.15 4.66
N ILE A 64 9.64 -32.11 5.93
CA ILE A 64 10.59 -33.09 6.45
C ILE A 64 9.78 -34.31 6.81
N THR A 65 10.11 -35.44 6.16
CA THR A 65 9.56 -36.76 6.45
C THR A 65 10.67 -37.76 6.83
N ASP A 66 11.65 -37.90 5.94
CA ASP A 66 12.78 -38.84 6.09
C ASP A 66 13.70 -38.56 7.26
N ILE A 67 14.40 -39.61 7.69
CA ILE A 67 15.53 -39.50 8.59
C ILE A 67 16.68 -38.77 7.91
N GLY A 68 16.97 -39.05 6.62
CA GLY A 68 18.01 -38.30 5.89
C GLY A 68 17.77 -36.78 5.91
N GLU A 69 16.52 -36.43 5.66
CA GLU A 69 16.06 -35.04 5.66
C GLU A 69 16.28 -34.39 7.01
N VAL A 70 15.85 -35.06 8.06
CA VAL A 70 16.08 -34.58 9.43
C VAL A 70 17.56 -34.37 9.75
N SER A 71 18.42 -35.27 9.29
CA SER A 71 19.85 -35.12 9.55
C SER A 71 20.48 -33.91 8.83
N GLN A 72 20.07 -33.68 7.59
CA GLN A 72 20.43 -32.46 6.86
C GLN A 72 19.96 -31.22 7.62
N PHE A 73 18.73 -31.29 8.13
CA PHE A 73 18.05 -30.18 8.84
C PHE A 73 18.84 -29.77 10.07
N LEU A 74 19.31 -30.78 10.79
CA LEU A 74 20.14 -30.56 11.97
C LEU A 74 21.44 -29.84 11.64
N THR A 75 22.12 -30.30 10.59
CA THR A 75 23.38 -29.72 10.17
C THR A 75 23.16 -28.28 9.70
N GLU A 76 22.10 -28.07 8.93
CA GLU A 76 21.70 -26.70 8.54
C GLU A 76 21.42 -25.77 9.74
N GLY A 77 20.70 -26.28 10.72
CA GLY A 77 20.48 -25.57 11.96
C GLY A 77 21.77 -25.12 12.65
N ILE A 78 22.76 -26.01 12.76
CA ILE A 78 24.02 -25.64 13.43
C ILE A 78 24.71 -24.53 12.69
N ILE A 79 24.72 -24.64 11.37
CA ILE A 79 25.36 -23.68 10.53
C ILE A 79 24.66 -22.32 10.68
N MET A 80 23.34 -22.33 10.65
CA MET A 80 22.60 -21.09 10.65
C MET A 80 22.54 -20.40 12.03
N LYS A 81 22.66 -21.19 13.09
CA LYS A 81 22.69 -20.71 14.47
C LYS A 81 23.82 -19.71 14.73
N ASP A 82 24.92 -19.83 14.01
CA ASP A 82 26.06 -18.93 14.21
C ASP A 82 26.00 -17.65 13.38
N PHE A 83 24.99 -17.49 12.54
CA PHE A 83 24.76 -16.20 11.90
C PHE A 83 24.31 -15.31 13.05
N SER A 84 24.86 -14.11 13.12
CA SER A 84 24.54 -13.24 14.18
C SER A 84 24.79 -11.79 13.80
N HIS A 85 23.68 -11.06 13.63
CA HIS A 85 23.72 -9.63 13.37
C HIS A 85 22.36 -9.03 13.75
N PRO A 86 22.36 -7.80 14.31
CA PRO A 86 21.15 -7.16 14.77
C PRO A 86 20.06 -6.96 13.69
N ASN A 87 20.45 -6.96 12.41
CA ASN A 87 19.48 -6.82 11.31
C ASN A 87 19.27 -8.07 10.50
N VAL A 88 19.56 -9.23 11.08
CA VAL A 88 19.32 -10.52 10.44
C VAL A 88 18.57 -11.39 11.44
N LEU A 89 17.47 -12.02 11.01
CA LEU A 89 16.66 -12.83 11.92
C LEU A 89 17.48 -13.95 12.51
N SER A 90 17.42 -14.14 13.83
N SER A 90 17.38 -14.13 13.83
CA SER A 90 18.20 -15.19 14.48
CA SER A 90 18.08 -15.21 14.54
C SER A 90 17.42 -16.49 14.64
C SER A 90 17.36 -16.54 14.44
N LEU A 91 18.14 -17.61 14.57
CA LEU A 91 17.58 -18.93 14.82
C LEU A 91 17.79 -19.18 16.27
N LEU A 92 16.72 -19.29 17.03
CA LEU A 92 16.84 -19.58 18.45
C LEU A 92 17.18 -21.05 18.68
N GLY A 93 16.64 -21.94 17.86
CA GLY A 93 16.94 -23.37 17.93
C GLY A 93 15.95 -24.21 17.14
N ILE A 94 16.09 -25.52 17.29
CA ILE A 94 15.28 -26.47 16.59
C ILE A 94 14.79 -27.47 17.60
N CYS A 95 13.62 -28.05 17.37
CA CYS A 95 13.05 -29.01 18.31
C CYS A 95 12.53 -30.23 17.54
N LEU A 96 13.04 -31.42 17.88
CA LEU A 96 12.59 -32.63 17.24
C LEU A 96 11.62 -33.38 18.13
N ARG A 97 10.57 -33.88 17.50
CA ARG A 97 9.49 -34.58 18.18
C ARG A 97 9.35 -35.98 17.62
N SER A 98 9.03 -36.92 18.51
CA SER A 98 8.75 -38.29 18.11
C SER A 98 7.45 -38.40 17.32
N GLU A 99 6.58 -37.40 17.45
CA GLU A 99 5.42 -37.24 16.56
C GLU A 99 5.33 -35.80 16.07
N GLY A 100 4.95 -35.61 14.82
CA GLY A 100 4.84 -34.28 14.23
C GLY A 100 6.13 -33.90 13.54
N SER A 101 6.06 -32.89 12.68
CA SER A 101 7.24 -32.47 11.93
C SER A 101 8.25 -31.70 12.81
N PRO A 102 9.48 -31.62 12.37
CA PRO A 102 10.44 -30.85 13.12
C PRO A 102 10.03 -29.37 13.22
N LEU A 103 10.48 -28.72 14.29
CA LEU A 103 10.12 -27.34 14.59
C LEU A 103 11.34 -26.42 14.55
N VAL A 104 11.13 -25.22 13.97
CA VAL A 104 12.15 -24.21 13.89
C VAL A 104 11.71 -23.13 14.83
N VAL A 105 12.56 -22.75 15.77
CA VAL A 105 12.20 -21.75 16.78
C VAL A 105 12.90 -20.43 16.50
N LEU A 106 12.08 -19.38 16.45
CA LEU A 106 12.48 -18.10 15.90
C LEU A 106 11.94 -16.99 16.80
N PRO A 107 12.61 -15.83 16.82
CA PRO A 107 12.11 -14.77 17.70
C PRO A 107 10.78 -14.21 17.19
N TYR A 108 9.94 -13.83 18.13
CA TYR A 108 8.71 -13.18 17.81
C TYR A 108 8.98 -11.74 17.36
N MET A 109 8.29 -11.38 16.26
CA MET A 109 8.42 -10.09 15.62
C MET A 109 7.13 -9.34 15.74
N LYS A 110 7.06 -8.53 16.79
CA LYS A 110 5.82 -7.83 17.18
C LYS A 110 5.09 -7.16 16.01
N HIS A 111 5.84 -6.52 15.12
CA HIS A 111 5.22 -5.70 14.10
C HIS A 111 5.15 -6.39 12.73
N GLY A 112 5.39 -7.70 12.73
CA GLY A 112 5.21 -8.49 11.54
C GLY A 112 6.18 -8.13 10.42
N ASP A 113 5.74 -8.33 9.19
CA ASP A 113 6.58 -8.03 8.07
C ASP A 113 6.56 -6.55 7.79
N LEU A 114 7.70 -6.08 7.27
CA LEU A 114 7.91 -4.65 7.07
C LEU A 114 6.91 -4.06 6.03
N ARG A 115 6.56 -4.81 4.99
CA ARG A 115 5.55 -4.31 4.04
C ARG A 115 4.21 -4.07 4.69
N ASN A 116 3.69 -5.06 5.39
CA ASN A 116 2.45 -4.83 6.14
C ASN A 116 2.50 -3.65 7.18
N PHE A 117 3.63 -3.43 7.88
CA PHE A 117 3.77 -2.39 8.84
C PHE A 117 3.61 -1.05 8.16
N ILE A 118 4.33 -0.83 7.06
CA ILE A 118 4.32 0.47 6.38
C ILE A 118 3.03 0.78 5.63
N ARG A 119 2.27 -0.26 5.39
CA ARG A 119 0.90 -0.15 4.84
C ARG A 119 -0.20 -0.03 5.92
N ASN A 120 0.16 -0.28 7.17
CA ASN A 120 -0.79 -0.21 8.28
C ASN A 120 -1.18 1.23 8.64
N GLU A 121 -2.47 1.47 8.69
CA GLU A 121 -2.97 2.79 9.02
C GLU A 121 -2.83 3.12 10.50
N THR A 122 -2.53 2.15 11.37
CA THR A 122 -2.33 2.47 12.80
C THR A 122 -0.98 3.11 13.15
N HIS A 123 -0.03 3.09 12.22
CA HIS A 123 1.33 3.60 12.50
C HIS A 123 1.67 4.69 11.46
N ASN A 124 2.51 5.63 11.84
CA ASN A 124 2.90 6.72 10.93
C ASN A 124 4.40 6.93 10.98
N PRO A 125 5.17 5.96 10.51
CA PRO A 125 6.61 6.23 10.45
C PRO A 125 6.95 7.49 9.65
N THR A 126 7.96 8.20 10.10
CA THR A 126 8.42 9.38 9.39
C THR A 126 9.28 8.97 8.19
N VAL A 127 9.54 9.93 7.32
CA VAL A 127 10.52 9.72 6.24
C VAL A 127 11.86 9.22 6.81
N LYS A 128 12.34 9.82 7.88
CA LYS A 128 13.56 9.35 8.49
C LYS A 128 13.43 7.89 8.92
N ASP A 129 12.30 7.53 9.59
CA ASP A 129 12.09 6.14 10.02
C ASP A 129 12.18 5.19 8.82
N LEU A 130 11.54 5.61 7.73
CA LEU A 130 11.61 4.80 6.53
C LEU A 130 13.01 4.63 5.96
N ILE A 131 13.76 5.70 5.88
CA ILE A 131 15.15 5.63 5.42
C ILE A 131 15.95 4.72 6.37
N GLY A 132 15.70 4.91 7.66
CA GLY A 132 16.30 4.09 8.70
C GLY A 132 16.03 2.59 8.51
N PHE A 133 14.77 2.22 8.20
CA PHE A 133 14.47 0.82 7.87
C PHE A 133 15.35 0.30 6.69
N GLY A 134 15.45 1.10 5.62
CA GLY A 134 16.32 0.81 4.51
C GLY A 134 17.80 0.60 4.88
N LEU A 135 18.32 1.46 5.72
CA LEU A 135 19.68 1.39 6.23
C LEU A 135 19.90 0.09 7.00
N GLN A 136 18.92 -0.27 7.81
CA GLN A 136 18.97 -1.49 8.58
C GLN A 136 19.00 -2.72 7.71
N VAL A 137 18.18 -2.75 6.64
CA VAL A 137 18.25 -3.83 5.68
C VAL A 137 19.60 -3.82 5.06
N ALA A 138 20.11 -2.67 4.65
CA ALA A 138 21.44 -2.62 4.03
C ALA A 138 22.57 -3.22 4.93
N LYS A 139 22.48 -2.93 6.23
CA LYS A 139 23.43 -3.45 7.23
C LYS A 139 23.30 -4.99 7.33
N GLY A 140 22.06 -5.48 7.37
CA GLY A 140 21.84 -6.91 7.47
C GLY A 140 22.32 -7.62 6.23
N MET A 141 22.10 -6.99 5.07
CA MET A 141 22.57 -7.55 3.77
C MET A 141 24.07 -7.45 3.63
N LYS A 142 24.68 -6.41 4.19
CA LYS A 142 26.15 -6.28 4.15
C LYS A 142 26.74 -7.54 4.88
N TYR A 143 26.13 -7.82 6.05
CA TYR A 143 26.48 -9.03 6.83
C TYR A 143 26.34 -10.33 6.04
N LEU A 144 25.14 -10.59 5.51
CA LEU A 144 24.97 -11.80 4.67
C LEU A 144 25.93 -11.88 3.50
N ALA A 145 26.13 -10.78 2.79
CA ALA A 145 27.06 -10.78 1.68
C ALA A 145 28.48 -11.13 2.12
N SER A 146 28.87 -10.64 3.30
CA SER A 146 30.20 -10.94 3.89
C SER A 146 30.41 -12.43 4.13
N LYS A 147 29.31 -13.14 4.36
CA LYS A 147 29.32 -14.57 4.61
C LYS A 147 29.10 -15.32 3.30
N LYS A 148 29.03 -14.59 2.18
CA LYS A 148 28.83 -15.18 0.85
C LYS A 148 27.46 -15.85 0.74
N PHE A 149 26.49 -15.26 1.44
CA PHE A 149 25.15 -15.77 1.46
C PHE A 149 24.30 -14.89 0.57
N VAL A 150 23.74 -15.51 -0.48
CA VAL A 150 22.88 -14.84 -1.44
C VAL A 150 21.41 -15.08 -1.05
N HIS A 151 20.69 -13.98 -0.77
CA HIS A 151 19.30 -14.09 -0.34
C HIS A 151 18.35 -14.68 -1.41
N ARG A 152 18.36 -14.06 -2.59
CA ARG A 152 17.52 -14.45 -3.72
C ARG A 152 16.05 -14.04 -3.65
N ASP A 153 15.56 -13.60 -2.48
CA ASP A 153 14.19 -13.10 -2.40
C ASP A 153 14.02 -11.89 -1.49
N LEU A 154 14.89 -10.89 -1.65
CA LEU A 154 14.79 -9.68 -0.90
C LEU A 154 13.64 -8.85 -1.38
N ALA A 155 12.79 -8.45 -0.43
CA ALA A 155 11.59 -7.68 -0.67
C ALA A 155 11.10 -7.23 0.72
N ALA A 156 10.31 -6.16 0.75
CA ALA A 156 9.81 -5.68 2.06
C ALA A 156 8.99 -6.75 2.83
N ARG A 157 8.25 -7.60 2.09
CA ARG A 157 7.47 -8.69 2.70
C ARG A 157 8.31 -9.76 3.42
N ASN A 158 9.61 -9.76 3.15
CA ASN A 158 10.53 -10.80 3.64
C ASN A 158 11.49 -10.27 4.68
N CYS A 159 11.21 -9.06 5.16
CA CYS A 159 11.85 -8.47 6.35
C CYS A 159 10.80 -8.29 7.45
N MET A 160 11.24 -8.48 8.70
CA MET A 160 10.38 -8.46 9.83
C MET A 160 10.76 -7.29 10.72
N LEU A 161 9.81 -6.88 11.56
N LEU A 161 9.88 -6.94 11.64
CA LEU A 161 10.03 -5.76 12.46
CA LEU A 161 10.10 -5.75 12.40
C LEU A 161 9.72 -6.18 13.89
C LEU A 161 9.69 -5.96 13.87
N ASP A 162 10.66 -5.91 14.79
CA ASP A 162 10.47 -6.29 16.17
C ASP A 162 9.86 -5.15 17.05
N GLU A 163 9.70 -5.40 18.36
CA GLU A 163 9.07 -4.42 19.22
C GLU A 163 9.81 -3.11 19.36
N LYS A 164 11.11 -3.11 19.11
CA LYS A 164 11.94 -1.93 19.20
C LYS A 164 12.08 -1.24 17.83
N PHE A 165 11.36 -1.76 16.81
CA PHE A 165 11.38 -1.28 15.41
C PHE A 165 12.75 -1.53 14.80
N THR A 166 13.39 -2.62 15.21
CA THR A 166 14.54 -3.15 14.54
C THR A 166 14.11 -4.10 13.41
N VAL A 167 14.68 -3.84 12.24
CA VAL A 167 14.40 -4.63 11.10
C VAL A 167 15.32 -5.83 11.07
N LYS A 168 14.73 -6.96 10.74
CA LYS A 168 15.44 -8.19 10.58
C LYS A 168 15.20 -8.77 9.20
N VAL A 169 16.27 -8.91 8.44
CA VAL A 169 16.17 -9.65 7.21
C VAL A 169 15.80 -11.12 7.54
N ALA A 170 14.75 -11.58 6.89
CA ALA A 170 14.14 -12.88 7.17
C ALA A 170 13.97 -13.69 5.90
N ASP A 171 13.07 -14.67 5.93
CA ASP A 171 12.88 -15.53 4.75
C ASP A 171 14.18 -16.11 4.15
N PHE A 172 15.05 -16.63 5.00
CA PHE A 172 16.21 -17.36 4.53
C PHE A 172 16.52 -18.51 5.49
N GLY A 173 17.37 -19.40 5.03
CA GLY A 173 17.76 -20.54 5.83
C GLY A 173 16.54 -21.40 6.11
N LEU A 174 16.37 -21.78 7.36
CA LEU A 174 15.26 -22.64 7.78
C LEU A 174 13.93 -21.91 7.81
N ALA A 175 13.96 -20.58 7.66
CA ALA A 175 12.73 -19.78 7.57
C ALA A 175 12.33 -19.45 6.12
N ARG A 176 13.10 -19.91 5.13
CA ARG A 176 12.80 -19.71 3.73
C ARG A 176 11.49 -20.39 3.32
N ASP A 177 10.63 -19.64 2.66
CA ASP A 177 9.36 -20.18 2.21
C ASP A 177 8.71 -19.26 1.19
N MET A 178 7.61 -19.72 0.62
CA MET A 178 6.69 -18.82 -0.08
C MET A 178 5.56 -18.63 0.90
N TYR A 179 5.57 -17.42 1.43
CA TYR A 179 4.56 -16.97 2.36
C TYR A 179 3.40 -16.23 1.68
N ASP A 180 3.63 -15.53 0.57
N ASP A 180 3.66 -15.75 0.45
CA ASP A 180 2.50 -14.95 -0.21
CA ASP A 180 2.82 -14.81 -0.29
C ASP A 180 2.74 -15.15 -1.68
C ASP A 180 2.83 -15.14 -1.77
N LYS A 181 2.11 -16.20 -2.17
CA LYS A 181 2.15 -16.64 -3.55
C LYS A 181 1.74 -15.65 -4.60
N GLU A 182 0.96 -14.64 -4.22
CA GLU A 182 0.50 -13.68 -5.22
C GLU A 182 1.65 -12.84 -5.88
N TYR A 183 2.86 -12.80 -5.31
CA TYR A 183 3.99 -12.03 -5.92
C TYR A 183 5.03 -12.84 -6.69
N TYR A 184 4.70 -14.08 -7.06
CA TYR A 184 5.61 -15.03 -7.66
C TYR A 184 4.96 -15.66 -8.89
N SER A 185 5.71 -15.75 -9.98
CA SER A 185 5.25 -16.32 -11.24
C SER A 185 5.92 -17.64 -11.59
N VAL A 186 5.10 -18.59 -12.05
CA VAL A 186 5.57 -19.92 -12.47
C VAL A 186 5.13 -20.22 -13.89
N ALA A 192 8.68 -23.50 -10.46
CA ALA A 192 9.69 -22.53 -10.04
C ALA A 192 9.07 -21.15 -9.95
N LYS A 193 8.80 -20.71 -8.72
CA LYS A 193 8.04 -19.48 -8.46
C LYS A 193 8.98 -18.34 -8.33
N LEU A 194 8.81 -17.31 -9.16
CA LEU A 194 9.78 -16.23 -9.26
C LEU A 194 9.18 -14.91 -8.86
N PRO A 195 9.86 -14.17 -7.99
CA PRO A 195 9.39 -12.80 -7.63
C PRO A 195 9.82 -11.77 -8.69
N VAL A 196 9.17 -11.86 -9.84
CA VAL A 196 9.65 -11.23 -11.09
C VAL A 196 9.79 -9.74 -10.97
N LYS A 197 8.95 -9.06 -10.18
CA LYS A 197 9.02 -7.58 -10.15
C LYS A 197 10.14 -7.06 -9.21
N TRP A 198 10.85 -7.99 -8.54
CA TRP A 198 11.98 -7.70 -7.67
C TRP A 198 13.30 -8.16 -8.27
N MET A 199 13.24 -8.94 -9.33
CA MET A 199 14.41 -9.52 -9.91
C MET A 199 15.26 -8.65 -10.82
N ALA A 200 16.56 -8.83 -10.68
CA ALA A 200 17.52 -8.16 -11.57
C ALA A 200 17.32 -8.62 -13.01
N LEU A 201 17.67 -7.71 -13.90
CA LEU A 201 17.53 -7.95 -15.33
C LEU A 201 18.18 -9.25 -15.68
N GLU A 202 19.41 -9.47 -15.20
CA GLU A 202 20.10 -10.73 -15.59
C GLU A 202 19.50 -12.00 -14.97
N SER A 203 18.89 -11.90 -13.80
CA SER A 203 18.17 -13.04 -13.22
C SER A 203 16.91 -13.39 -14.03
N LEU A 204 16.23 -12.40 -14.57
CA LEU A 204 15.09 -12.63 -15.46
C LEU A 204 15.54 -13.40 -16.70
N GLN A 205 16.75 -13.12 -17.16
CA GLN A 205 17.28 -13.76 -18.36
C GLN A 205 17.87 -15.14 -18.08
N THR A 206 18.42 -15.37 -16.88
CA THR A 206 19.22 -16.58 -16.62
C THR A 206 18.74 -17.46 -15.47
N GLN A 207 17.82 -16.92 -14.69
CA GLN A 207 17.39 -17.53 -13.42
C GLN A 207 18.54 -17.81 -12.46
N LYS A 208 19.67 -17.12 -12.62
CA LYS A 208 20.75 -17.19 -11.61
C LYS A 208 20.77 -15.93 -10.75
N PHE A 209 21.17 -16.11 -9.51
CA PHE A 209 21.13 -15.02 -8.52
C PHE A 209 22.48 -14.88 -7.87
N THR A 210 22.86 -13.62 -7.59
CA THR A 210 24.11 -13.31 -6.94
C THR A 210 23.89 -12.21 -5.87
N THR A 211 24.94 -11.88 -5.13
CA THR A 211 24.86 -10.69 -4.27
C THR A 211 24.53 -9.42 -5.10
N LYS A 212 25.05 -9.32 -6.32
CA LYS A 212 24.73 -8.16 -7.16
C LYS A 212 23.23 -8.09 -7.59
N SER A 213 22.60 -9.24 -7.73
CA SER A 213 21.14 -9.27 -7.92
C SER A 213 20.37 -8.98 -6.65
N ASP A 214 20.93 -9.34 -5.47
CA ASP A 214 20.33 -8.93 -4.18
C ASP A 214 20.33 -7.41 -4.10
N VAL A 215 21.42 -6.76 -4.55
CA VAL A 215 21.45 -5.31 -4.59
C VAL A 215 20.31 -4.71 -5.38
N TRP A 216 20.10 -5.24 -6.60
CA TRP A 216 18.96 -4.81 -7.43
C TRP A 216 17.63 -4.92 -6.62
N SER A 217 17.39 -6.06 -6.02
CA SER A 217 16.17 -6.26 -5.21
C SER A 217 16.10 -5.32 -4.04
N PHE A 218 17.26 -5.05 -3.47
CA PHE A 218 17.31 -4.13 -2.38
C PHE A 218 16.80 -2.76 -2.81
N GLY A 219 17.22 -2.34 -4.00
CA GLY A 219 16.70 -1.10 -4.61
C GLY A 219 15.18 -1.03 -4.70
N VAL A 220 14.56 -2.11 -5.06
CA VAL A 220 13.13 -2.21 -5.15
C VAL A 220 12.52 -2.17 -3.79
N LEU A 221 13.18 -2.86 -2.84
CA LEU A 221 12.76 -2.77 -1.45
C LEU A 221 12.79 -1.31 -0.99
N LEU A 222 13.89 -0.59 -1.27
CA LEU A 222 13.95 0.79 -0.87
C LEU A 222 12.83 1.57 -1.50
N TRP A 223 12.45 1.34 -2.71
CA TRP A 223 11.26 1.97 -3.32
C TRP A 223 9.94 1.61 -2.62
N GLU A 224 9.81 0.37 -2.20
CA GLU A 224 8.64 -0.03 -1.39
C GLU A 224 8.55 0.75 -0.12
N LEU A 225 9.71 0.93 0.52
CA LEU A 225 9.73 1.64 1.78
C LEU A 225 9.28 3.09 1.54
N MET A 226 9.85 3.76 0.58
CA MET A 226 9.66 5.20 0.41
C MET A 226 8.24 5.52 -0.12
N THR A 227 7.57 4.54 -0.74
CA THR A 227 6.19 4.63 -1.19
C THR A 227 5.20 4.13 -0.15
N ARG A 228 5.72 3.62 0.96
CA ARG A 228 4.87 3.06 2.07
C ARG A 228 4.04 1.87 1.57
N GLY A 229 4.71 1.10 0.76
CA GLY A 229 4.26 -0.22 0.30
C GLY A 229 3.47 -0.26 -0.98
N ALA A 230 3.80 0.61 -1.97
CA ALA A 230 3.22 0.50 -3.29
C ALA A 230 3.73 -0.76 -3.98
N PRO A 231 2.88 -1.34 -4.85
CA PRO A 231 3.33 -2.46 -5.63
C PRO A 231 4.20 -2.00 -6.77
N PRO A 232 5.36 -2.64 -6.93
CA PRO A 232 6.12 -2.30 -8.11
C PRO A 232 5.70 -2.84 -9.49
N TYR A 233 5.71 -1.95 -10.46
CA TYR A 233 5.36 -2.33 -11.84
C TYR A 233 4.08 -3.15 -11.98
N PRO A 234 3.01 -2.70 -11.39
CA PRO A 234 1.81 -3.54 -11.38
C PRO A 234 1.14 -3.72 -12.73
N ASP A 235 1.35 -2.75 -13.64
CA ASP A 235 0.77 -2.80 -14.94
C ASP A 235 1.78 -3.18 -16.05
N VAL A 236 2.94 -3.74 -15.66
CA VAL A 236 3.85 -4.31 -16.61
C VAL A 236 3.67 -5.78 -16.44
N ASN A 237 3.24 -6.50 -17.48
CA ASN A 237 3.11 -7.98 -17.38
C ASN A 237 4.41 -8.73 -17.15
N THR A 238 4.29 -9.90 -16.56
CA THR A 238 5.45 -10.74 -16.28
C THR A 238 6.31 -10.97 -17.50
N PHE A 239 5.66 -11.15 -18.64
CA PHE A 239 6.32 -11.43 -19.91
C PHE A 239 6.80 -10.18 -20.61
N ASP A 240 6.46 -9.01 -20.10
CA ASP A 240 6.95 -7.75 -20.68
C ASP A 240 8.07 -7.08 -19.87
N ILE A 241 8.30 -7.55 -18.66
CA ILE A 241 9.19 -6.82 -17.70
C ILE A 241 10.63 -6.82 -18.20
N THR A 242 11.09 -7.88 -18.80
CA THR A 242 12.47 -7.92 -19.31
C THR A 242 12.72 -6.85 -20.42
N VAL A 243 11.81 -6.81 -21.38
CA VAL A 243 11.85 -5.73 -22.38
C VAL A 243 11.72 -4.32 -21.78
N TYR A 244 10.79 -4.10 -20.85
CA TYR A 244 10.66 -2.82 -20.19
C TYR A 244 12.00 -2.37 -19.58
N LEU A 245 12.61 -3.26 -18.84
CA LEU A 245 13.92 -2.98 -18.21
C LEU A 245 15.07 -2.80 -19.24
N LEU A 246 15.04 -3.61 -20.32
CA LEU A 246 16.04 -3.47 -21.39
C LEU A 246 15.98 -2.11 -22.08
N GLN A 247 14.81 -1.48 -22.05
CA GLN A 247 14.61 -0.13 -22.61
C GLN A 247 15.11 0.98 -21.65
N GLY A 248 15.59 0.63 -20.45
CA GLY A 248 16.10 1.57 -19.47
C GLY A 248 15.04 2.14 -18.56
N ARG A 249 13.82 1.65 -18.68
CA ARG A 249 12.78 2.14 -17.81
C ARG A 249 12.89 1.51 -16.44
N ARG A 250 12.60 2.35 -15.45
CA ARG A 250 12.67 2.05 -14.01
C ARG A 250 11.52 2.61 -13.25
N LEU A 251 11.40 2.13 -12.01
CA LEU A 251 10.47 2.69 -11.05
C LEU A 251 10.77 4.18 -10.86
N LEU A 252 9.70 4.95 -10.82
CA LEU A 252 9.75 6.41 -10.68
C LEU A 252 10.07 6.87 -9.25
N GLN A 253 10.61 8.08 -9.10
CA GLN A 253 10.96 8.58 -7.76
C GLN A 253 9.70 8.67 -6.90
N PRO A 254 9.73 8.02 -5.73
CA PRO A 254 8.62 8.19 -4.79
C PRO A 254 8.47 9.65 -4.36
N GLU A 255 7.20 10.05 -4.10
CA GLU A 255 6.84 11.43 -3.71
C GLU A 255 7.68 12.01 -2.58
N TYR A 256 7.89 11.21 -1.53
CA TYR A 256 8.64 11.59 -0.32
C TYR A 256 10.05 11.02 -0.24
N CYS A 257 10.59 10.57 -1.36
CA CYS A 257 11.96 10.07 -1.44
C CYS A 257 12.96 11.20 -1.76
N PRO A 258 13.97 11.40 -0.89
CA PRO A 258 14.96 12.46 -1.19
C PRO A 258 15.69 12.18 -2.48
N ASP A 259 16.05 13.23 -3.23
CA ASP A 259 16.80 13.03 -4.47
C ASP A 259 17.99 12.08 -4.37
N PRO A 260 18.85 12.26 -3.33
CA PRO A 260 20.03 11.37 -3.31
C PRO A 260 19.66 9.91 -3.08
N LEU A 261 18.53 9.68 -2.42
CA LEU A 261 18.09 8.32 -2.15
C LEU A 261 17.52 7.71 -3.43
N TYR A 262 16.80 8.47 -4.25
CA TYR A 262 16.46 7.92 -5.60
C TYR A 262 17.64 7.72 -6.45
N GLU A 263 18.70 8.53 -6.36
CA GLU A 263 19.93 8.24 -7.09
C GLU A 263 20.53 6.87 -6.68
N VAL A 264 20.46 6.55 -5.39
CA VAL A 264 20.91 5.29 -4.85
C VAL A 264 20.10 4.16 -5.46
N MET A 265 18.79 4.30 -5.51
CA MET A 265 17.96 3.26 -6.10
C MET A 265 18.35 3.04 -7.56
N LEU A 266 18.54 4.08 -8.38
CA LEU A 266 18.87 3.91 -9.80
C LEU A 266 20.17 3.20 -9.95
N LYS A 267 21.13 3.48 -9.06
CA LYS A 267 22.43 2.74 -9.06
C LYS A 267 22.23 1.26 -8.81
N CYS A 268 21.30 0.90 -7.95
CA CYS A 268 21.06 -0.48 -7.70
C CYS A 268 20.46 -1.21 -8.88
N TRP A 269 19.82 -0.45 -9.80
CA TRP A 269 19.22 -1.03 -11.01
C TRP A 269 20.04 -0.83 -12.28
N HIS A 270 21.35 -0.67 -12.12
CA HIS A 270 22.21 -0.56 -13.27
C HIS A 270 22.11 -1.88 -14.03
N PRO A 271 22.06 -1.84 -15.38
CA PRO A 271 21.92 -3.07 -16.13
C PRO A 271 23.18 -3.94 -16.12
N LYS A 272 24.31 -3.34 -15.78
CA LYS A 272 25.60 -4.06 -15.60
C LYS A 272 25.77 -4.36 -14.11
N ALA A 273 25.64 -5.64 -13.78
CA ALA A 273 25.67 -6.05 -12.39
C ALA A 273 26.89 -5.51 -11.69
N GLU A 274 28.03 -5.58 -12.38
CA GLU A 274 29.29 -5.15 -11.76
C GLU A 274 29.40 -3.65 -11.45
N MET A 275 28.51 -2.84 -12.03
CA MET A 275 28.49 -1.40 -11.77
C MET A 275 27.56 -0.98 -10.62
N ARG A 276 26.83 -1.93 -10.04
CA ARG A 276 25.96 -1.66 -8.91
C ARG A 276 26.82 -1.51 -7.68
N PRO A 277 26.36 -0.70 -6.71
CA PRO A 277 27.10 -0.57 -5.46
C PRO A 277 27.11 -1.90 -4.67
N SER A 278 28.16 -2.08 -3.89
CA SER A 278 28.19 -3.11 -2.86
C SER A 278 27.26 -2.71 -1.69
N PHE A 279 26.89 -3.69 -0.85
CA PHE A 279 26.09 -3.38 0.34
C PHE A 279 26.87 -2.51 1.29
N SER A 280 28.19 -2.63 1.31
CA SER A 280 29.01 -1.72 2.12
C SER A 280 28.86 -0.27 1.66
N GLU A 281 28.90 -0.06 0.34
CA GLU A 281 28.68 1.27 -0.22
C GLU A 281 27.27 1.80 0.00
N LEU A 282 26.30 0.91 -0.07
CA LEU A 282 24.91 1.28 0.32
C LEU A 282 24.74 1.73 1.75
N VAL A 283 25.32 1.00 2.70
CA VAL A 283 25.32 1.40 4.09
C VAL A 283 25.96 2.76 4.15
N SER A 284 27.11 2.96 3.54
CA SER A 284 27.74 4.30 3.57
C SER A 284 26.86 5.42 3.07
N ARG A 285 26.42 5.25 1.83
CA ARG A 285 25.54 6.25 1.17
C ARG A 285 24.23 6.49 1.88
N ILE A 286 23.55 5.48 2.35
CA ILE A 286 22.28 5.64 3.05
C ILE A 286 22.52 6.16 4.44
N SER A 287 23.61 5.78 5.08
N SER A 287 23.60 5.75 5.07
CA SER A 287 23.90 6.33 6.42
CA SER A 287 23.94 6.33 6.39
C SER A 287 24.10 7.84 6.36
C SER A 287 23.97 7.84 6.26
N ALA A 288 24.67 8.34 5.26
CA ALA A 288 24.84 9.79 5.11
C ALA A 288 23.52 10.51 4.93
N ILE A 289 22.69 10.01 4.07
CA ILE A 289 21.42 10.60 3.74
C ILE A 289 20.56 10.53 5.01
N PHE A 290 20.48 9.38 5.65
CA PHE A 290 19.83 9.30 6.98
C PHE A 290 20.24 10.33 8.03
N SER A 291 21.54 10.60 8.09
CA SER A 291 22.09 11.54 9.03
C SER A 291 21.68 12.97 8.80
N THR A 292 21.20 13.31 7.61
CA THR A 292 20.73 14.66 7.34
C THR A 292 19.33 14.95 7.90
N PHE A 293 18.63 13.91 8.36
CA PHE A 293 17.32 14.08 8.99
C PHE A 293 17.41 14.11 10.52
N ILE A 294 16.69 15.05 11.12
CA ILE A 294 16.55 15.17 12.58
C ILE A 294 15.39 14.31 13.04
N GLY A 295 15.66 13.45 14.03
CA GLY A 295 14.67 12.58 14.60
C GLY A 295 14.26 13.20 15.95
N GLU A 296 13.61 12.42 16.79
CA GLU A 296 13.02 12.95 17.99
C GLU A 296 14.07 13.26 19.02
N HIS A 297 15.04 12.35 19.14
CA HIS A 297 16.06 12.49 20.16
C HIS A 297 17.48 12.77 19.64
N TYR A 298 17.67 12.64 18.33
CA TYR A 298 18.99 12.82 17.71
C TYR A 298 18.79 13.01 16.21
N LEU B 11 -8.70 35.39 14.35
CA LEU B 11 -8.75 34.80 12.98
C LEU B 11 -7.38 34.47 12.42
N VAL B 12 -6.43 35.41 12.52
CA VAL B 12 -5.02 35.05 12.28
C VAL B 12 -4.63 33.92 13.21
N GLN B 13 -5.08 33.98 14.46
CA GLN B 13 -4.70 32.95 15.43
C GLN B 13 -5.25 31.62 14.95
N ALA B 14 -6.49 31.67 14.45
CA ALA B 14 -7.20 30.47 14.05
C ALA B 14 -6.64 29.91 12.77
N VAL B 15 -6.31 30.76 11.80
CA VAL B 15 -5.76 30.26 10.53
C VAL B 15 -4.31 29.85 10.68
N GLN B 16 -3.70 30.11 11.82
CA GLN B 16 -2.25 30.10 11.87
C GLN B 16 -1.67 28.73 11.50
N HIS B 17 -2.32 27.66 11.93
CA HIS B 17 -1.83 26.31 11.61
C HIS B 17 -2.19 25.88 10.18
N VAL B 18 -2.96 26.71 9.47
CA VAL B 18 -3.30 26.47 8.08
C VAL B 18 -2.40 27.29 7.15
N VAL B 19 -1.83 28.36 7.67
CA VAL B 19 -1.08 29.31 6.85
C VAL B 19 0.28 28.79 6.48
N ILE B 20 0.61 28.94 5.20
CA ILE B 20 1.94 28.62 4.70
C ILE B 20 2.65 29.90 4.31
N GLY B 21 3.77 30.15 4.99
CA GLY B 21 4.64 31.28 4.67
C GLY B 21 4.94 31.35 3.18
N PRO B 22 4.70 32.51 2.56
CA PRO B 22 5.09 32.70 1.16
C PRO B 22 6.54 32.30 0.86
N SER B 23 7.44 32.54 1.81
N SER B 23 7.44 32.58 1.81
CA SER B 23 8.83 32.14 1.67
CA SER B 23 8.83 32.13 1.74
C SER B 23 9.01 30.60 1.69
C SER B 23 8.95 30.60 1.60
N SER B 24 7.99 29.88 2.19
CA SER B 24 8.01 28.39 2.20
C SER B 24 7.36 27.69 1.01
N LEU B 25 6.98 28.41 -0.04
CA LEU B 25 6.34 27.80 -1.20
C LEU B 25 6.85 28.34 -2.53
N ILE B 26 7.25 27.42 -3.41
CA ILE B 26 7.53 27.76 -4.80
C ILE B 26 6.49 27.12 -5.69
N VAL B 27 5.82 27.93 -6.47
CA VAL B 27 4.85 27.43 -7.45
C VAL B 27 5.52 27.41 -8.82
N HIS B 28 5.42 26.28 -9.50
CA HIS B 28 5.97 26.11 -10.81
C HIS B 28 4.87 26.36 -11.85
N PHE B 29 4.63 27.66 -12.13
CA PHE B 29 3.55 28.06 -13.01
C PHE B 29 3.71 27.55 -14.43
N ASN B 30 4.96 27.30 -14.82
CA ASN B 30 5.29 26.66 -16.10
C ASN B 30 4.91 25.16 -16.21
N GLU B 31 4.61 24.51 -15.09
CA GLU B 31 4.22 23.08 -15.10
C GLU B 31 2.77 22.93 -14.63
N VAL B 32 1.90 22.98 -15.62
CA VAL B 32 0.49 22.92 -15.38
C VAL B 32 0.07 21.48 -15.20
N ILE B 33 -0.70 21.25 -14.14
CA ILE B 33 -1.23 19.92 -13.89
C ILE B 33 -2.61 19.82 -14.53
N GLY B 34 -3.41 20.86 -14.34
CA GLY B 34 -4.78 20.88 -14.80
C GLY B 34 -5.53 22.15 -14.46
N ARG B 35 -6.80 22.20 -14.86
CA ARG B 35 -7.61 23.42 -14.84
C ARG B 35 -9.04 23.19 -14.32
N GLY B 36 -9.49 24.10 -13.45
CA GLY B 36 -10.92 24.27 -13.07
C GLY B 36 -11.41 25.71 -13.25
N HIS B 37 -12.71 25.91 -13.04
N HIS B 37 -12.70 25.95 -13.02
CA HIS B 37 -13.37 27.24 -13.15
CA HIS B 37 -13.32 27.27 -13.19
C HIS B 37 -12.74 28.26 -12.23
C HIS B 37 -12.92 28.33 -12.17
N PHE B 38 -12.58 27.92 -10.96
CA PHE B 38 -11.99 28.83 -10.00
C PHE B 38 -10.51 29.10 -10.26
N GLY B 39 -9.81 28.25 -11.01
CA GLY B 39 -8.37 28.46 -11.23
C GLY B 39 -7.54 27.28 -11.70
N CYS B 40 -6.27 27.55 -12.00
CA CYS B 40 -5.36 26.53 -12.51
C CYS B 40 -4.65 25.79 -11.36
N VAL B 41 -4.18 24.57 -11.65
CA VAL B 41 -3.47 23.71 -10.71
C VAL B 41 -2.08 23.45 -11.28
N TYR B 42 -1.08 23.73 -10.45
CA TYR B 42 0.32 23.64 -10.85
C TYR B 42 1.12 22.74 -9.91
N HIS B 43 2.22 22.21 -10.43
CA HIS B 43 3.23 21.62 -9.59
C HIS B 43 3.82 22.70 -8.72
N GLY B 44 4.10 22.34 -7.48
CA GLY B 44 4.66 23.23 -6.52
C GLY B 44 5.69 22.51 -5.67
N THR B 45 6.51 23.32 -4.99
CA THR B 45 7.41 22.85 -3.99
C THR B 45 7.20 23.62 -2.70
N LEU B 46 7.01 22.85 -1.65
CA LEU B 46 6.79 23.37 -0.34
C LEU B 46 8.04 23.12 0.51
N LEU B 47 8.51 24.13 1.24
CA LEU B 47 9.59 23.93 2.22
C LEU B 47 9.01 23.75 3.61
N LYS B 52 13.72 21.08 3.98
CA LYS B 52 13.48 20.02 3.02
C LYS B 52 12.34 20.40 2.03
N LYS B 53 12.61 20.20 0.74
CA LYS B 53 11.63 20.45 -0.32
C LYS B 53 10.62 19.32 -0.37
N ILE B 54 9.33 19.68 -0.54
CA ILE B 54 8.28 18.67 -0.66
C ILE B 54 7.33 19.01 -1.80
N HIS B 55 7.17 18.04 -2.68
CA HIS B 55 6.37 18.20 -3.89
C HIS B 55 4.88 18.36 -3.55
N CYS B 56 4.15 19.21 -4.28
N CYS B 56 4.21 19.16 -4.39
CA CYS B 56 2.74 19.40 -4.02
CA CYS B 56 2.88 19.70 -4.12
C CYS B 56 2.06 19.92 -5.27
C CYS B 56 2.04 19.79 -5.38
N ALA B 57 0.73 20.03 -5.18
CA ALA B 57 -0.12 20.61 -6.23
C ALA B 57 -0.63 21.91 -5.63
N VAL B 58 -0.59 22.98 -6.40
CA VAL B 58 -1.03 24.28 -5.94
C VAL B 58 -2.12 24.82 -6.86
N LYS B 59 -3.22 25.19 -6.24
CA LYS B 59 -4.33 25.78 -6.94
C LYS B 59 -4.51 27.25 -6.61
N SER B 60 -4.59 28.05 -7.65
CA SER B 60 -4.83 29.49 -7.51
C SER B 60 -6.32 29.75 -7.59
N LEU B 61 -6.89 30.44 -6.60
CA LEU B 61 -8.30 30.74 -6.59
C LEU B 61 -8.56 32.08 -7.27
N ASN B 62 -7.75 33.07 -6.91
CA ASN B 62 -7.67 34.37 -7.63
C ASN B 62 -9.00 35.12 -7.98
N GLU B 69 -16.56 34.77 -1.00
CA GLU B 69 -16.11 35.81 -0.09
C GLU B 69 -14.82 35.34 0.61
N VAL B 70 -14.02 36.31 1.04
CA VAL B 70 -12.92 36.05 1.98
C VAL B 70 -13.42 35.21 3.16
N SER B 71 -14.62 35.54 3.64
CA SER B 71 -15.24 34.82 4.77
C SER B 71 -15.42 33.36 4.45
N GLN B 72 -15.80 33.05 3.22
CA GLN B 72 -15.95 31.67 2.75
C GLN B 72 -14.60 30.91 2.75
N PHE B 73 -13.57 31.52 2.15
CA PHE B 73 -12.22 30.94 1.98
C PHE B 73 -11.52 30.65 3.31
N LEU B 74 -11.61 31.63 4.22
CA LEU B 74 -11.00 31.49 5.53
C LEU B 74 -11.76 30.49 6.36
N THR B 75 -13.08 30.48 6.20
CA THR B 75 -13.91 29.55 6.95
C THR B 75 -13.49 28.14 6.57
N GLU B 76 -13.40 27.93 5.25
CA GLU B 76 -13.12 26.60 4.72
C GLU B 76 -11.69 26.12 5.00
N GLY B 77 -10.70 27.01 4.89
CA GLY B 77 -9.32 26.67 5.30
C GLY B 77 -9.24 26.16 6.74
N ILE B 78 -9.87 26.88 7.66
CA ILE B 78 -9.89 26.46 9.05
C ILE B 78 -10.62 25.11 9.16
N ILE B 79 -11.76 24.99 8.51
CA ILE B 79 -12.53 23.75 8.56
C ILE B 79 -11.79 22.59 7.87
N MET B 80 -11.41 22.77 6.60
CA MET B 80 -10.84 21.71 5.76
C MET B 80 -9.53 21.19 6.39
N LYS B 81 -8.77 22.06 7.05
CA LYS B 81 -7.46 21.68 7.58
C LYS B 81 -7.59 20.62 8.65
N ASP B 82 -8.65 20.69 9.42
CA ASP B 82 -8.79 19.82 10.56
C ASP B 82 -9.38 18.45 10.23
N PHE B 83 -9.93 18.31 9.03
CA PHE B 83 -10.36 16.98 8.52
C PHE B 83 -9.13 16.10 8.35
N SER B 84 -9.23 14.81 8.67
CA SER B 84 -8.13 13.89 8.45
C SER B 84 -8.60 12.42 8.38
N HIS B 85 -8.44 11.83 7.23
CA HIS B 85 -8.79 10.46 7.02
C HIS B 85 -8.01 10.01 5.78
N PRO B 86 -7.55 8.75 5.79
CA PRO B 86 -6.74 8.22 4.69
C PRO B 86 -7.45 8.20 3.33
N ASN B 87 -8.78 8.23 3.33
CA ASN B 87 -9.52 8.23 2.07
C ASN B 87 -10.21 9.57 1.74
N VAL B 88 -9.67 10.66 2.30
CA VAL B 88 -10.15 12.01 2.03
C VAL B 88 -8.93 12.88 1.73
N LEU B 89 -8.97 13.59 0.60
CA LEU B 89 -7.90 14.53 0.24
C LEU B 89 -7.59 15.51 1.37
N SER B 90 -6.31 15.61 1.72
N SER B 90 -6.30 15.62 1.70
CA SER B 90 -5.90 16.54 2.77
CA SER B 90 -5.84 16.55 2.73
C SER B 90 -5.64 17.95 2.25
C SER B 90 -5.70 17.97 2.20
N LEU B 91 -5.89 18.95 3.09
CA LEU B 91 -5.48 20.33 2.79
C LEU B 91 -4.11 20.53 3.42
N LEU B 92 -3.04 20.74 2.65
CA LEU B 92 -1.71 20.96 3.28
C LEU B 92 -1.64 22.35 3.91
N GLY B 93 -2.12 23.35 3.18
CA GLY B 93 -2.29 24.67 3.76
C GLY B 93 -2.77 25.65 2.72
N ILE B 94 -2.74 26.93 3.10
CA ILE B 94 -3.10 28.02 2.22
C ILE B 94 -2.00 29.09 2.29
N CYS B 95 -1.73 29.73 1.17
CA CYS B 95 -0.65 30.67 1.07
C CYS B 95 -1.27 31.99 0.65
N LEU B 96 -1.15 32.97 1.53
CA LEU B 96 -1.70 34.30 1.31
C LEU B 96 -0.53 35.22 1.00
N ARG B 97 -0.29 35.42 -0.29
CA ARG B 97 0.80 36.24 -0.75
C ARG B 97 0.51 37.73 -0.50
N SER B 101 -3.61 36.95 -4.88
CA SER B 101 -4.54 35.84 -5.24
C SER B 101 -4.32 34.56 -4.39
N PRO B 102 -5.34 34.10 -3.63
CA PRO B 102 -5.04 33.02 -2.67
C PRO B 102 -4.65 31.66 -3.28
N LEU B 103 -3.72 30.97 -2.64
CA LEU B 103 -3.26 29.69 -3.11
C LEU B 103 -3.65 28.58 -2.15
N VAL B 104 -4.13 27.48 -2.73
CA VAL B 104 -4.50 26.28 -2.01
C VAL B 104 -3.43 25.22 -2.29
N VAL B 105 -2.81 24.77 -1.21
CA VAL B 105 -1.72 23.78 -1.27
C VAL B 105 -2.24 22.40 -0.92
N LEU B 106 -2.08 21.48 -1.88
CA LEU B 106 -2.69 20.14 -1.84
C LEU B 106 -1.68 19.07 -2.18
N PRO B 107 -1.94 17.80 -1.74
CA PRO B 107 -1.02 16.70 -2.01
C PRO B 107 -1.05 16.36 -3.48
N TYR B 108 0.11 16.04 -4.03
CA TYR B 108 0.19 15.59 -5.41
C TYR B 108 -0.28 14.15 -5.45
N MET B 109 -1.14 13.85 -6.42
CA MET B 109 -1.68 12.50 -6.62
C MET B 109 -1.14 11.85 -7.88
N LYS B 110 -0.15 10.94 -7.76
CA LYS B 110 0.54 10.38 -8.92
C LYS B 110 -0.34 9.92 -10.03
N HIS B 111 -1.41 9.20 -9.65
CA HIS B 111 -2.23 8.51 -10.60
C HIS B 111 -3.49 9.30 -11.03
N GLY B 112 -3.60 10.56 -10.59
CA GLY B 112 -4.63 11.45 -11.08
C GLY B 112 -6.03 11.12 -10.56
N ASP B 113 -7.05 11.49 -11.32
CA ASP B 113 -8.41 11.16 -10.97
C ASP B 113 -8.74 9.71 -11.27
N LEU B 114 -9.58 9.16 -10.41
CA LEU B 114 -9.94 7.75 -10.50
C LEU B 114 -10.59 7.33 -11.81
N ARG B 115 -11.45 8.18 -12.35
CA ARG B 115 -12.10 7.85 -13.63
C ARG B 115 -11.14 7.73 -14.74
N ASN B 116 -10.27 8.72 -14.91
CA ASN B 116 -9.22 8.63 -15.92
C ASN B 116 -8.32 7.40 -15.74
N PHE B 117 -8.02 7.04 -14.52
CA PHE B 117 -7.15 5.93 -14.24
C PHE B 117 -7.75 4.65 -14.72
N ILE B 118 -9.00 4.40 -14.33
CA ILE B 118 -9.62 3.14 -14.71
C ILE B 118 -10.00 3.09 -16.18
N ARG B 119 -10.21 4.23 -16.82
CA ARG B 119 -10.48 4.22 -18.28
C ARG B 119 -9.26 3.91 -19.14
N ASN B 120 -8.07 4.18 -18.63
CA ASN B 120 -6.84 4.04 -19.38
C ASN B 120 -6.50 2.55 -19.60
N GLU B 121 -6.48 2.18 -20.87
N GLU B 121 -6.44 2.13 -20.86
CA GLU B 121 -6.09 0.87 -21.37
CA GLU B 121 -6.20 0.73 -21.18
C GLU B 121 -4.84 0.30 -20.73
C GLU B 121 -4.76 0.27 -20.89
N THR B 122 -3.87 1.19 -20.50
CA THR B 122 -2.53 0.78 -19.99
C THR B 122 -2.61 0.27 -18.54
N HIS B 123 -3.77 0.45 -17.90
CA HIS B 123 -3.97 -0.06 -16.55
C HIS B 123 -4.86 -1.30 -16.58
N ASN B 124 -4.66 -2.18 -15.63
CA ASN B 124 -5.25 -3.54 -15.67
C ASN B 124 -5.96 -3.83 -14.32
N PRO B 125 -6.96 -2.99 -13.96
CA PRO B 125 -7.69 -3.20 -12.66
C PRO B 125 -8.48 -4.48 -12.74
N THR B 126 -8.33 -5.31 -11.73
CA THR B 126 -9.09 -6.53 -11.59
C THR B 126 -10.43 -6.15 -10.95
N VAL B 127 -11.35 -7.10 -10.97
CA VAL B 127 -12.57 -6.92 -10.18
C VAL B 127 -12.32 -6.52 -8.68
N LYS B 128 -11.41 -7.24 -8.06
CA LYS B 128 -11.07 -7.00 -6.71
C LYS B 128 -10.53 -5.58 -6.54
N ASP B 129 -9.65 -5.13 -7.43
CA ASP B 129 -9.09 -3.77 -7.45
C ASP B 129 -10.20 -2.77 -7.49
N LEU B 130 -11.22 -3.00 -8.30
CA LEU B 130 -12.33 -2.04 -8.45
C LEU B 130 -13.29 -2.00 -7.29
N ILE B 131 -13.62 -3.17 -6.77
CA ILE B 131 -14.42 -3.20 -5.52
C ILE B 131 -13.65 -2.57 -4.41
N GLY B 132 -12.36 -2.80 -4.33
CA GLY B 132 -11.54 -2.21 -3.28
C GLY B 132 -11.46 -0.69 -3.42
N PHE B 133 -11.47 -0.11 -4.60
CA PHE B 133 -11.51 1.33 -4.74
C PHE B 133 -12.86 1.87 -4.31
N GLY B 134 -13.94 1.12 -4.57
CA GLY B 134 -15.29 1.45 -4.05
C GLY B 134 -15.38 1.45 -2.54
N LEU B 135 -14.78 0.47 -1.88
CA LEU B 135 -14.71 0.38 -0.43
C LEU B 135 -13.89 1.56 0.07
N GLN B 136 -12.82 1.96 -0.55
CA GLN B 136 -12.06 3.11 -0.09
C GLN B 136 -12.87 4.37 -0.21
N VAL B 137 -13.65 4.55 -1.28
CA VAL B 137 -14.52 5.72 -1.37
C VAL B 137 -15.60 5.72 -0.26
N ALA B 138 -16.18 4.58 0.07
CA ALA B 138 -17.19 4.42 1.10
C ALA B 138 -16.62 4.86 2.45
N LYS B 139 -15.37 4.48 2.76
CA LYS B 139 -14.75 4.83 4.03
C LYS B 139 -14.52 6.31 4.08
N GLY B 140 -14.12 6.92 2.99
CA GLY B 140 -13.95 8.39 2.98
C GLY B 140 -15.24 9.13 3.16
N MET B 141 -16.29 8.65 2.53
CA MET B 141 -17.62 9.20 2.66
C MET B 141 -18.22 8.94 4.03
N LYS B 142 -17.95 7.79 4.64
CA LYS B 142 -18.38 7.52 6.04
C LYS B 142 -17.74 8.55 6.94
N TYR B 143 -16.45 8.88 6.70
CA TYR B 143 -15.82 9.94 7.50
C TYR B 143 -16.50 11.31 7.29
N LEU B 144 -16.67 11.74 6.06
CA LEU B 144 -17.28 13.04 5.76
C LEU B 144 -18.71 13.15 6.31
N ALA B 145 -19.46 12.06 6.19
CA ALA B 145 -20.83 12.05 6.72
C ALA B 145 -20.81 12.24 8.20
N SER B 146 -19.76 11.73 8.84
CA SER B 146 -19.65 11.78 10.29
C SER B 146 -19.35 13.20 10.72
N LYS B 147 -18.77 13.98 9.84
CA LYS B 147 -18.52 15.39 10.06
C LYS B 147 -19.71 16.27 9.64
N LYS B 148 -20.83 15.63 9.26
CA LYS B 148 -22.01 16.34 8.77
C LYS B 148 -21.70 17.15 7.54
N PHE B 149 -20.75 16.65 6.75
CA PHE B 149 -20.37 17.26 5.49
C PHE B 149 -21.00 16.55 4.29
N VAL B 150 -21.73 17.30 3.49
CA VAL B 150 -22.40 16.81 2.30
C VAL B 150 -21.56 17.19 1.09
N HIS B 151 -21.14 16.19 0.33
CA HIS B 151 -20.22 16.44 -0.75
C HIS B 151 -20.87 17.17 -1.90
N ARG B 152 -22.04 16.69 -2.35
N ARG B 152 -22.00 16.61 -2.37
CA ARG B 152 -22.80 17.28 -3.45
CA ARG B 152 -22.82 17.20 -3.43
C ARG B 152 -22.34 16.92 -4.89
C ARG B 152 -22.33 16.96 -4.89
N ASP B 153 -21.11 16.45 -5.07
CA ASP B 153 -20.64 16.11 -6.38
C ASP B 153 -19.72 14.88 -6.35
N LEU B 154 -20.17 13.85 -5.68
CA LEU B 154 -19.43 12.60 -5.67
C LEU B 154 -19.56 11.90 -6.99
N ALA B 155 -18.42 11.48 -7.51
CA ALA B 155 -18.30 10.88 -8.84
C ALA B 155 -16.85 10.36 -9.01
N ALA B 156 -16.63 9.40 -9.90
CA ALA B 156 -15.26 8.88 -10.04
C ALA B 156 -14.25 9.97 -10.46
N ARG B 157 -14.73 10.93 -11.26
CA ARG B 157 -13.89 12.02 -11.72
C ARG B 157 -13.40 12.91 -10.57
N ASN B 158 -14.09 12.87 -9.43
CA ASN B 158 -13.81 13.70 -8.27
C ASN B 158 -13.12 12.98 -7.09
N CYS B 159 -12.57 11.80 -7.36
CA CYS B 159 -11.73 11.07 -6.44
C CYS B 159 -10.36 10.97 -7.07
N MET B 160 -9.34 10.96 -6.24
CA MET B 160 -7.97 10.90 -6.74
C MET B 160 -7.28 9.65 -6.26
N LEU B 161 -6.22 9.26 -6.97
N LEU B 161 -6.15 9.31 -6.87
CA LEU B 161 -5.42 8.10 -6.66
CA LEU B 161 -5.50 8.03 -6.65
C LEU B 161 -3.97 8.50 -6.43
C LEU B 161 -3.97 8.28 -6.51
N ASP B 162 -3.42 8.05 -5.32
CA ASP B 162 -2.02 8.34 -4.98
C ASP B 162 -1.05 7.22 -5.42
N GLU B 163 0.23 7.36 -5.07
CA GLU B 163 1.24 6.46 -5.58
C GLU B 163 1.13 5.00 -5.10
N LYS B 164 0.42 4.79 -3.99
CA LYS B 164 0.17 3.43 -3.47
C LYS B 164 -1.30 2.98 -3.68
N PHE B 165 -2.01 3.67 -4.56
CA PHE B 165 -3.37 3.32 -5.02
C PHE B 165 -4.35 3.42 -3.83
N THR B 166 -4.07 4.46 -3.03
CA THR B 166 -5.03 4.93 -2.03
C THR B 166 -5.93 5.95 -2.70
N VAL B 167 -7.23 5.70 -2.62
CA VAL B 167 -8.24 6.62 -3.13
C VAL B 167 -8.51 7.72 -2.14
N LYS B 168 -8.53 8.94 -2.69
CA LYS B 168 -8.85 10.11 -1.89
C LYS B 168 -10.10 10.80 -2.46
N VAL B 169 -11.16 10.90 -1.68
CA VAL B 169 -12.33 11.67 -2.06
C VAL B 169 -11.83 13.11 -2.14
N ALA B 170 -12.06 13.74 -3.29
CA ALA B 170 -11.56 15.11 -3.49
C ALA B 170 -12.69 16.06 -3.88
N ASP B 171 -12.35 17.13 -4.61
CA ASP B 171 -13.34 18.10 -5.08
C ASP B 171 -14.31 18.59 -3.99
N PHE B 172 -13.78 18.94 -2.82
CA PHE B 172 -14.56 19.53 -1.79
C PHE B 172 -13.73 20.58 -1.04
N GLY B 173 -14.42 21.42 -0.28
CA GLY B 173 -13.81 22.52 0.47
C GLY B 173 -13.10 23.41 -0.53
N LEU B 174 -11.86 23.77 -0.21
CA LEU B 174 -11.10 24.64 -1.08
C LEU B 174 -10.71 24.02 -2.42
N ALA B 175 -10.80 22.69 -2.58
CA ALA B 175 -10.61 22.04 -3.89
C ALA B 175 -11.87 21.94 -4.74
N ARG B 176 -13.03 22.43 -4.24
CA ARG B 176 -14.28 22.27 -4.96
C ARG B 176 -14.24 23.11 -6.22
N ASP B 177 -14.65 22.52 -7.34
CA ASP B 177 -14.66 23.20 -8.61
C ASP B 177 -15.41 22.34 -9.62
N MET B 178 -15.48 22.83 -10.86
CA MET B 178 -15.93 22.06 -12.01
C MET B 178 -14.72 21.81 -12.88
N TYR B 179 -14.29 20.55 -12.89
CA TYR B 179 -13.09 20.17 -13.61
C TYR B 179 -13.40 19.55 -14.99
N ASP B 180 -14.53 18.85 -15.16
CA ASP B 180 -14.92 18.29 -16.48
C ASP B 180 -16.29 18.84 -16.87
N LYS B 181 -16.29 19.85 -17.73
CA LYS B 181 -17.50 20.62 -18.02
C LYS B 181 -18.59 19.75 -18.65
N GLU B 182 -18.15 18.70 -19.33
CA GLU B 182 -19.04 17.82 -20.10
C GLU B 182 -20.25 17.26 -19.29
N TYR B 183 -20.06 17.07 -17.98
CA TYR B 183 -21.05 16.36 -17.17
C TYR B 183 -21.86 17.26 -16.24
N TYR B 184 -21.95 18.55 -16.60
CA TYR B 184 -22.66 19.52 -15.81
C TYR B 184 -23.66 20.30 -16.70
N SER B 185 -24.93 20.29 -16.29
CA SER B 185 -26.02 21.00 -17.00
C SER B 185 -26.52 22.15 -16.16
N ALA B 192 -26.62 27.50 -12.24
CA ALA B 192 -26.21 26.35 -11.43
C ALA B 192 -25.82 25.16 -12.32
N LYS B 193 -24.52 24.86 -12.33
CA LYS B 193 -23.96 23.70 -13.02
C LYS B 193 -24.34 22.43 -12.27
N LEU B 194 -25.03 21.48 -12.91
CA LEU B 194 -25.49 20.30 -12.18
C LEU B 194 -25.04 19.01 -12.81
N PRO B 195 -24.45 18.10 -11.99
CA PRO B 195 -24.06 16.78 -12.46
C PRO B 195 -25.29 15.84 -12.45
N VAL B 196 -26.25 16.15 -13.31
CA VAL B 196 -27.58 15.55 -13.17
C VAL B 196 -27.58 14.01 -13.21
N LYS B 197 -26.68 13.43 -13.98
CA LYS B 197 -26.64 11.96 -14.10
C LYS B 197 -26.08 11.22 -12.87
N TRP B 198 -25.59 11.98 -11.89
CA TRP B 198 -25.16 11.48 -10.56
C TRP B 198 -26.12 11.83 -9.43
N MET B 199 -27.16 12.60 -9.74
CA MET B 199 -27.99 13.20 -8.73
C MET B 199 -29.20 12.34 -8.41
N ALA B 200 -29.57 12.36 -7.14
CA ALA B 200 -30.72 11.63 -6.70
C ALA B 200 -31.99 12.28 -7.23
N LEU B 201 -33.04 11.46 -7.35
CA LEU B 201 -34.33 11.94 -7.85
C LEU B 201 -34.81 13.20 -7.14
N GLU B 202 -34.81 13.17 -5.81
CA GLU B 202 -35.28 14.32 -5.01
C GLU B 202 -34.45 15.60 -5.20
N SER B 203 -33.14 15.44 -5.40
CA SER B 203 -32.26 16.57 -5.71
C SER B 203 -32.55 17.17 -7.09
N LEU B 204 -32.86 16.35 -8.07
CA LEU B 204 -33.25 16.85 -9.38
C LEU B 204 -34.54 17.70 -9.27
N GLN B 205 -35.35 17.47 -8.24
CA GLN B 205 -36.55 18.30 -8.04
C GLN B 205 -36.29 19.59 -7.25
N THR B 206 -35.59 19.47 -6.13
CA THR B 206 -35.40 20.58 -5.21
C THR B 206 -34.09 21.32 -5.30
N GLN B 207 -33.11 20.72 -5.99
CA GLN B 207 -31.71 21.17 -5.99
C GLN B 207 -31.13 21.28 -4.57
N LYS B 208 -31.68 20.51 -3.64
CA LYS B 208 -31.13 20.36 -2.31
C LYS B 208 -30.35 19.02 -2.25
N PHE B 209 -29.29 18.99 -1.45
CA PHE B 209 -28.40 17.82 -1.37
C PHE B 209 -28.23 17.42 0.08
N THR B 210 -28.18 16.13 0.32
CA THR B 210 -28.00 15.58 1.68
C THR B 210 -27.00 14.46 1.62
N THR B 211 -26.61 13.93 2.76
CA THR B 211 -25.79 12.69 2.76
C THR B 211 -26.52 11.55 2.06
N LYS B 212 -27.83 11.44 2.24
CA LYS B 212 -28.59 10.45 1.44
C LYS B 212 -28.54 10.66 -0.09
N SER B 213 -28.43 11.90 -0.55
CA SER B 213 -28.24 12.10 -1.97
C SER B 213 -26.80 11.78 -2.35
N ASP B 214 -25.84 11.96 -1.45
CA ASP B 214 -24.46 11.50 -1.74
C ASP B 214 -24.44 9.97 -1.88
N VAL B 215 -25.26 9.25 -1.11
CA VAL B 215 -25.36 7.77 -1.20
C VAL B 215 -25.82 7.41 -2.58
N TRP B 216 -26.83 8.09 -3.07
CA TRP B 216 -27.22 7.89 -4.48
C TRP B 216 -26.02 8.04 -5.46
N SER B 217 -25.29 9.15 -5.36
CA SER B 217 -24.14 9.42 -6.20
C SER B 217 -23.10 8.30 -6.03
N PHE B 218 -22.90 7.84 -4.82
CA PHE B 218 -22.00 6.73 -4.53
C PHE B 218 -22.39 5.46 -5.29
N GLY B 219 -23.68 5.16 -5.39
CA GLY B 219 -24.08 4.11 -6.25
C GLY B 219 -23.73 4.24 -7.72
N VAL B 220 -23.87 5.45 -8.24
CA VAL B 220 -23.44 5.71 -9.63
C VAL B 220 -21.91 5.55 -9.75
N LEU B 221 -21.19 5.98 -8.70
CA LEU B 221 -19.73 5.83 -8.69
C LEU B 221 -19.35 4.37 -8.65
N LEU B 222 -20.04 3.52 -7.90
CA LEU B 222 -19.78 2.07 -7.99
C LEU B 222 -20.01 1.50 -9.37
N TRP B 223 -21.10 1.97 -9.97
CA TRP B 223 -21.32 1.60 -11.35
C TRP B 223 -20.17 1.98 -12.34
N GLU B 224 -19.72 3.20 -12.22
CA GLU B 224 -18.53 3.71 -12.89
C GLU B 224 -17.37 2.81 -12.64
N LEU B 225 -17.10 2.42 -11.41
CA LEU B 225 -15.96 1.55 -11.15
C LEU B 225 -16.08 0.22 -11.90
N MET B 226 -17.25 -0.38 -11.80
CA MET B 226 -17.41 -1.72 -12.36
C MET B 226 -17.52 -1.76 -13.87
N THR B 227 -17.72 -0.60 -14.48
CA THR B 227 -17.65 -0.47 -15.96
C THR B 227 -16.30 0.11 -16.46
N ARG B 228 -15.32 0.23 -15.55
CA ARG B 228 -14.11 0.96 -15.88
C ARG B 228 -14.32 2.35 -16.46
N GLY B 229 -15.23 3.12 -15.86
CA GLY B 229 -15.46 4.49 -16.22
C GLY B 229 -16.35 4.73 -17.41
N ALA B 230 -17.26 3.80 -17.76
CA ALA B 230 -18.29 4.16 -18.74
C ALA B 230 -19.10 5.35 -18.29
N PRO B 231 -19.50 6.18 -19.26
CA PRO B 231 -20.40 7.26 -18.89
C PRO B 231 -21.82 6.70 -18.59
N PRO B 232 -22.46 7.14 -17.49
CA PRO B 232 -23.79 6.60 -17.16
C PRO B 232 -24.87 7.21 -18.06
N TYR B 233 -25.87 6.39 -18.39
CA TYR B 233 -26.98 6.79 -19.30
C TYR B 233 -26.54 7.57 -20.58
N PRO B 234 -25.65 6.96 -21.41
CA PRO B 234 -25.08 7.71 -22.51
C PRO B 234 -26.13 8.07 -23.60
N ASP B 235 -27.22 7.31 -23.66
CA ASP B 235 -28.28 7.55 -24.64
C ASP B 235 -29.44 8.37 -24.09
N VAL B 236 -29.29 8.89 -22.88
CA VAL B 236 -30.34 9.65 -22.23
C VAL B 236 -29.92 11.09 -22.17
N ASN B 237 -30.76 11.94 -22.75
N ASN B 237 -30.69 11.95 -22.81
CA ASN B 237 -30.50 13.36 -22.76
CA ASN B 237 -30.32 13.33 -22.80
C ASN B 237 -30.55 13.84 -21.33
C ASN B 237 -30.55 13.87 -21.40
N THR B 238 -29.68 14.77 -21.00
CA THR B 238 -29.72 15.40 -19.68
C THR B 238 -31.09 15.99 -19.31
N PHE B 239 -31.84 16.51 -20.29
CA PHE B 239 -33.18 17.05 -20.02
C PHE B 239 -34.19 15.96 -19.60
N ASP B 240 -33.87 14.71 -19.91
CA ASP B 240 -34.80 13.59 -19.78
C ASP B 240 -34.50 12.61 -18.63
N ILE B 241 -33.49 12.90 -17.80
CA ILE B 241 -33.04 11.90 -16.81
C ILE B 241 -34.15 11.61 -15.78
N THR B 242 -34.93 12.62 -15.37
CA THR B 242 -36.00 12.37 -14.41
C THR B 242 -37.08 11.45 -15.00
N VAL B 243 -37.47 11.72 -16.25
CA VAL B 243 -38.53 10.94 -16.92
C VAL B 243 -38.06 9.50 -17.13
N TYR B 244 -36.81 9.38 -17.56
CA TYR B 244 -36.19 8.08 -17.78
C TYR B 244 -36.25 7.20 -16.51
N LEU B 245 -35.81 7.77 -15.40
CA LEU B 245 -35.81 7.02 -14.16
C LEU B 245 -37.20 6.67 -13.72
N LEU B 246 -38.12 7.63 -13.85
CA LEU B 246 -39.50 7.42 -13.47
C LEU B 246 -40.22 6.42 -14.38
N GLN B 247 -39.60 6.00 -15.47
CA GLN B 247 -40.19 4.93 -16.26
C GLN B 247 -40.02 3.60 -15.53
N GLY B 248 -39.25 3.64 -14.42
CA GLY B 248 -38.95 2.40 -13.68
C GLY B 248 -37.60 1.82 -14.05
N ARG B 249 -36.61 2.70 -14.21
CA ARG B 249 -35.30 2.29 -14.75
C ARG B 249 -34.15 2.64 -13.80
N ARG B 250 -33.12 1.82 -13.89
CA ARG B 250 -31.83 2.10 -13.23
C ARG B 250 -30.74 1.65 -14.16
N LEU B 251 -29.51 2.11 -13.92
CA LEU B 251 -28.34 1.65 -14.61
C LEU B 251 -28.33 0.12 -14.49
N LEU B 252 -28.04 -0.57 -15.59
CA LEU B 252 -27.98 -2.02 -15.75
C LEU B 252 -26.78 -2.54 -14.98
N GLN B 253 -26.87 -3.79 -14.56
CA GLN B 253 -25.75 -4.41 -13.84
C GLN B 253 -24.56 -4.60 -14.76
N PRO B 254 -23.39 -4.03 -14.42
CA PRO B 254 -22.20 -4.23 -15.30
C PRO B 254 -21.76 -5.67 -15.34
N GLU B 255 -21.25 -6.11 -16.48
CA GLU B 255 -20.72 -7.46 -16.61
C GLU B 255 -19.72 -7.84 -15.48
N TYR B 256 -18.88 -6.91 -15.04
CA TYR B 256 -17.88 -7.18 -13.97
C TYR B 256 -18.42 -7.11 -12.55
N CYS B 257 -19.67 -6.70 -12.40
CA CYS B 257 -20.25 -6.43 -11.12
C CYS B 257 -20.85 -7.72 -10.56
N PRO B 258 -20.36 -8.16 -9.38
CA PRO B 258 -21.01 -9.30 -8.72
C PRO B 258 -22.47 -8.97 -8.31
N ASP B 259 -23.32 -9.99 -8.42
CA ASP B 259 -24.69 -9.83 -7.94
C ASP B 259 -24.88 -9.09 -6.58
N PRO B 260 -24.17 -9.48 -5.47
CA PRO B 260 -24.34 -8.77 -4.17
C PRO B 260 -23.99 -7.28 -4.28
N LEU B 261 -23.07 -6.93 -5.20
CA LEU B 261 -22.70 -5.53 -5.34
C LEU B 261 -23.77 -4.75 -6.10
N TYR B 262 -24.41 -5.43 -7.06
CA TYR B 262 -25.56 -4.85 -7.74
C TYR B 262 -26.69 -4.56 -6.74
N GLU B 263 -26.95 -5.47 -5.81
CA GLU B 263 -27.97 -5.30 -4.79
C GLU B 263 -27.65 -4.05 -4.03
N VAL B 264 -26.37 -3.87 -3.72
CA VAL B 264 -25.94 -2.64 -3.01
C VAL B 264 -26.27 -1.39 -3.83
N MET B 265 -25.94 -1.41 -5.10
CA MET B 265 -26.20 -0.28 -5.98
C MET B 265 -27.69 0.06 -5.96
N LEU B 266 -28.55 -0.88 -6.05
CA LEU B 266 -30.00 -0.62 -6.06
C LEU B 266 -30.51 0.04 -4.80
N LYS B 267 -29.92 -0.38 -3.71
CA LYS B 267 -30.24 0.21 -2.45
C LYS B 267 -29.79 1.65 -2.40
N CYS B 268 -28.62 1.96 -2.92
CA CYS B 268 -28.17 3.34 -3.09
C CYS B 268 -29.12 4.20 -3.87
N TRP B 269 -29.82 3.63 -4.84
CA TRP B 269 -30.80 4.35 -5.67
C TRP B 269 -32.24 4.18 -5.20
N HIS B 270 -32.45 3.91 -3.91
CA HIS B 270 -33.80 3.71 -3.41
C HIS B 270 -34.57 5.02 -3.66
N PRO B 271 -35.83 4.94 -4.11
CA PRO B 271 -36.57 6.18 -4.32
C PRO B 271 -36.81 7.07 -3.12
N LYS B 272 -36.83 6.48 -1.94
CA LYS B 272 -36.98 7.21 -0.73
C LYS B 272 -35.62 7.38 -0.05
N ALA B 273 -35.17 8.63 -0.01
CA ALA B 273 -33.85 8.96 0.53
C ALA B 273 -33.59 8.32 1.89
N GLU B 274 -34.59 8.32 2.76
CA GLU B 274 -34.46 7.81 4.13
C GLU B 274 -34.22 6.31 4.21
N MET B 275 -34.59 5.60 3.15
CA MET B 275 -34.42 4.15 3.14
C MET B 275 -33.05 3.69 2.54
N ARG B 276 -32.29 4.61 1.97
CA ARG B 276 -30.99 4.29 1.42
C ARG B 276 -30.07 3.96 2.57
N PRO B 277 -29.08 3.09 2.32
CA PRO B 277 -28.14 2.75 3.39
C PRO B 277 -27.31 3.98 3.82
N SER B 278 -26.80 3.95 5.04
CA SER B 278 -25.73 4.88 5.49
C SER B 278 -24.38 4.49 4.92
N PHE B 279 -23.46 5.43 4.85
CA PHE B 279 -22.11 5.07 4.44
C PHE B 279 -21.49 4.04 5.41
N SER B 280 -21.84 4.10 6.67
CA SER B 280 -21.38 3.07 7.61
C SER B 280 -21.87 1.68 7.21
N GLU B 281 -23.14 1.57 6.88
CA GLU B 281 -23.68 0.32 6.35
C GLU B 281 -23.02 -0.13 5.04
N LEU B 282 -22.77 0.80 4.12
CA LEU B 282 -22.13 0.50 2.84
C LEU B 282 -20.71 -0.02 3.08
N VAL B 283 -19.95 0.54 4.00
CA VAL B 283 -18.61 0.03 4.34
C VAL B 283 -18.70 -1.39 4.85
N SER B 284 -19.67 -1.67 5.72
CA SER B 284 -19.87 -3.03 6.19
C SER B 284 -20.17 -4.03 5.11
N ARG B 285 -21.13 -3.68 4.25
N ARG B 285 -21.10 -3.66 4.24
N ARG B 285 -21.10 -3.67 4.24
N ARG B 285 -21.12 -3.69 4.25
CA ARG B 285 -21.59 -4.59 3.19
CA ARG B 285 -21.58 -4.59 3.22
CA ARG B 285 -21.58 -4.60 3.18
CA ARG B 285 -21.53 -4.64 3.21
C ARG B 285 -20.50 -4.85 2.14
C ARG B 285 -20.53 -4.83 2.11
C ARG B 285 -20.56 -4.83 2.06
C ARG B 285 -20.38 -4.87 2.19
N ILE B 286 -19.82 -3.79 1.74
CA ILE B 286 -18.81 -3.84 0.70
C ILE B 286 -17.56 -4.56 1.20
N SER B 287 -17.19 -4.35 2.47
N SER B 287 -17.22 -4.35 2.48
CA SER B 287 -16.07 -5.09 3.04
CA SER B 287 -16.09 -5.02 3.10
C SER B 287 -16.34 -6.58 2.92
C SER B 287 -16.32 -6.55 3.10
N ALA B 288 -17.57 -6.98 3.32
CA ALA B 288 -17.92 -8.40 3.29
C ALA B 288 -17.82 -8.93 1.87
N ILE B 289 -18.25 -8.15 0.89
CA ILE B 289 -18.09 -8.58 -0.50
C ILE B 289 -16.58 -8.70 -0.91
N PHE B 290 -15.83 -7.64 -0.62
CA PHE B 290 -14.41 -7.57 -0.94
C PHE B 290 -13.62 -8.78 -0.41
N SER B 291 -13.93 -9.15 0.82
CA SER B 291 -13.28 -10.26 1.53
C SER B 291 -13.39 -11.61 0.83
N THR B 292 -14.33 -11.77 -0.12
CA THR B 292 -14.44 -13.01 -0.88
C THR B 292 -13.47 -13.12 -2.06
N PHE B 293 -12.80 -12.03 -2.40
CA PHE B 293 -11.93 -11.99 -3.58
C PHE B 293 -10.50 -12.29 -3.24
N ILE B 294 -9.92 -13.20 -4.02
CA ILE B 294 -8.57 -13.64 -3.88
C ILE B 294 -7.68 -12.92 -4.88
N GLY B 295 -6.45 -12.60 -4.48
CA GLY B 295 -5.50 -12.03 -5.42
C GLY B 295 -4.97 -10.70 -4.95
N GLU B 296 -3.87 -10.29 -5.56
CA GLU B 296 -3.30 -8.97 -5.32
C GLU B 296 -2.84 -8.34 -6.64
N HIS B 297 -3.08 -7.04 -6.73
CA HIS B 297 -2.63 -6.28 -7.85
C HIS B 297 -2.24 -4.88 -7.41
N TYR B 298 -3.22 -4.03 -7.17
CA TYR B 298 -2.91 -2.68 -6.75
C TYR B 298 -2.80 -2.56 -5.22
C1 IHX C . 4.21 -16.17 8.47
C2 IHX C . 5.01 -15.93 9.58
C3 IHX C . 3.56 -15.11 7.86
C4 IHX C . 5.18 -14.64 10.05
C5 IHX C . 3.71 -13.82 8.36
C6 IHX C . 4.52 -13.57 9.46
C7 IHX C . 6.06 -14.45 11.20
C8 IHX C . 5.76 -13.62 12.28
C11 IHX C . 7.27 -15.11 11.17
C12 IHX C . 8.18 -14.95 12.21
C18 IHX C . 4.31 -12.16 13.43
C19 IHX C . 5.23 -12.12 14.47
N22 IHX C . 3.09 -11.47 13.44
C24 IHX C . 1.27 -10.38 14.76
C27 IHX C . 2.19 -11.59 12.28
F17 IHX C . 10.00 -15.74 10.97
C14 IHX C . 9.47 -15.74 12.18
F15 IHX C . 9.13 -17.01 12.43
F16 IHX C . 10.38 -15.33 13.04
O13 IHX C . 3.04 -12.79 7.77
C10 IHX C . 7.90 -14.17 13.28
C9 IHX C . 6.68 -13.52 13.32
N21 IHX C . 6.42 -12.78 14.42
N20 IHX C . 4.57 -12.94 12.34
C25 IHX C . 0.71 -11.24 12.56
N23 IHX C . 0.52 -10.13 13.52
C28 IHX C . -0.91 -10.01 13.84
C26 IHX C . 2.75 -10.46 14.47
CA GBL D . 8.45 -14.82 7.86
C GBL D . 9.78 -14.77 7.16
O GBL D . 10.78 -15.32 7.47
CB GBL D . 7.50 -14.21 6.82
CG GBL D . 8.44 -13.35 5.96
OD GBL D . 9.73 -14.01 6.05
CA GBL E . 18.86 -18.77 10.39
C GBL E . 17.74 -19.59 9.81
O GBL E . 17.86 -20.71 9.41
CB GBL E . 18.21 -17.49 10.90
CG GBL E . 16.70 -17.69 10.70
OD GBL E . 16.60 -18.86 9.81
CA GBL F . 8.72 3.49 13.00
C GBL F . 7.51 3.96 13.66
O GBL F . 6.46 3.93 13.14
CB GBL F . 9.90 3.72 13.89
CG GBL F . 9.25 4.35 15.12
OD GBL F . 7.82 4.32 14.91
C1 IHX G . -7.19 19.22 -12.43
C2 IHX G . -6.40 18.92 -11.31
C3 IHX G . -7.54 18.20 -13.30
C4 IHX G . -5.98 17.62 -11.01
C5 IHX G . -7.12 16.91 -13.01
C6 IHX G . -6.34 16.62 -11.90
C7 IHX G . -5.14 17.34 -9.83
C8 IHX G . -4.02 16.49 -9.82
C11 IHX G . -5.46 17.96 -8.64
C12 IHX G . -4.74 17.73 -7.48
C18 IHX G . -2.52 15.06 -10.96
C19 IHX G . -1.78 14.87 -9.77
N22 IHX G . -2.23 14.43 -12.16
C24 IHX G . -0.51 13.19 -13.60
C27 IHX G . -3.06 14.65 -13.36
F17 IHX G . -6.46 18.41 -6.11
C14 IHX G . -5.15 18.45 -6.25
F15 IHX G . -4.75 19.74 -6.33
F16 IHX G . -4.68 17.88 -5.15
O13 IHX G . -7.48 15.91 -13.84
C10 IHX G . -3.61 16.93 -7.50
C9 IHX G . -3.27 16.30 -8.64
N21 IHX G . -2.13 15.49 -8.62
N20 IHX G . -3.64 15.86 -10.96
C25 IHX G . -2.35 14.29 -14.67
N23 IHX G . -1.64 12.99 -14.52
C28 IHX G . -1.25 12.29 -15.75
C26 IHX G . -1.14 13.40 -12.23
CA GBL H . -11.12 16.73 -7.94
C GBL H . -10.03 17.54 -7.36
O GBL H . -10.11 17.98 -6.21
CB GBL H . -10.74 16.26 -9.30
CG GBL H . -9.55 17.17 -9.62
OD GBL H . -9.06 17.68 -8.33
CA GBL I . -8.04 -3.06 -3.00
C GBL I . -7.95 -1.72 -3.56
O GBL I . -8.52 -0.85 -2.96
CB GBL I . -7.32 -4.00 -3.86
CG GBL I . -6.33 -2.96 -4.48
OD GBL I . -7.15 -1.73 -4.64
NA NA J . -5.89 17.56 7.52
#